data_4NJU
#
_entry.id   4NJU
#
_cell.length_a   45.350
_cell.length_b   57.540
_cell.length_c   86.700
_cell.angle_alpha   90.00
_cell.angle_beta   90.02
_cell.angle_gamma   90.00
#
_symmetry.space_group_name_H-M   'P 1 21 1'
#
loop_
_entity.id
_entity.type
_entity.pdbx_description
1 polymer Protease
2 non-polymer N-(3-{(1R)-1-[(6R)-4-HYDROXY-2-OXO-6-PHENETHYL-6-PROPYL-5,6-DIHYDRO-2H-PYRAN-3-YL]PROPYL}PHENYL)-5-(TRIFLUOROMETHYL)-2-PYRIDINESULFONAMIDE
3 water water
#
_entity_poly.entity_id   1
_entity_poly.type   'polypeptide(L)'
_entity_poly.pdbx_seq_one_letter_code
;PQITLWQRPIVTIKVGGQLKEALLDTGADDTVLEDMELPGRWKPRMIGGIGGFVKVRQYDQIPIEICGHKVIGTVLVGPT
PTNIIGRNLMTQLGCTLNF
;
_entity_poly.pdbx_strand_id   A,B,C,D
#
loop_
_chem_comp.id
_chem_comp.type
_chem_comp.name
_chem_comp.formula
TPV non-polymer N-(3-{(1R)-1-[(6R)-4-HYDROXY-2-OXO-6-PHENETHYL-6-PROPYL-5,6-DIHYDRO-2H-PYRAN-3-YL]PROPYL}PHENYL)-5-(TRIFLUOROMETHYL)-2-PYRIDINESULFONAMIDE 'C31 H33 F3 N2 O5 S'
#
# COMPACT_ATOMS: atom_id res chain seq x y z
N PRO A 1 2.01 -0.76 -1.96
CA PRO A 1 3.08 0.05 -2.54
C PRO A 1 2.56 1.13 -3.48
N GLN A 2 3.40 2.12 -3.74
CA GLN A 2 3.19 3.04 -4.85
C GLN A 2 4.38 2.91 -5.78
N ILE A 3 4.12 2.51 -7.02
CA ILE A 3 5.18 2.24 -7.98
C ILE A 3 5.20 3.34 -9.03
N THR A 4 6.33 4.04 -9.15
CA THR A 4 6.45 5.05 -10.20
C THR A 4 6.85 4.33 -11.49
N LEU A 5 6.84 5.07 -12.60
CA LEU A 5 6.97 4.39 -13.88
C LEU A 5 8.22 4.80 -14.63
N TRP A 6 9.24 5.25 -13.90
CA TRP A 6 10.52 5.62 -14.53
C TRP A 6 11.14 4.38 -15.15
N GLN A 7 10.95 3.24 -14.49
CA GLN A 7 11.41 1.95 -14.99
C GLN A 7 10.24 1.01 -15.16
N ARG A 8 10.47 -0.12 -15.84
CA ARG A 8 9.40 -1.12 -16.01
C ARG A 8 8.96 -1.61 -14.63
N PRO A 9 7.64 -1.63 -14.39
CA PRO A 9 7.11 -2.08 -13.11
C PRO A 9 7.16 -3.60 -13.00
N ILE A 10 8.31 -4.12 -12.61
CA ILE A 10 8.52 -5.56 -12.56
C ILE A 10 8.38 -6.04 -11.12
N VAL A 11 7.68 -7.17 -10.93
CA VAL A 11 7.48 -7.73 -9.59
C VAL A 11 7.76 -9.24 -9.56
N THR A 12 7.96 -9.79 -8.37
CA THR A 12 8.18 -11.22 -8.21
C THR A 12 6.84 -11.95 -8.03
N ILE A 13 6.63 -13.02 -8.77
CA ILE A 13 5.43 -13.83 -8.59
C ILE A 13 5.79 -15.28 -8.28
N LYS A 14 4.84 -15.99 -7.67
CA LYS A 14 4.95 -17.42 -7.51
C LYS A 14 3.74 -18.08 -8.16
N VAL A 15 3.99 -19.00 -9.09
CA VAL A 15 2.91 -19.64 -9.83
C VAL A 15 3.28 -21.06 -10.25
N GLY A 16 2.36 -21.99 -9.98
CA GLY A 16 2.62 -23.39 -10.26
C GLY A 16 3.90 -23.89 -9.61
N GLY A 17 4.17 -23.41 -8.40
CA GLY A 17 5.36 -23.80 -7.67
C GLY A 17 6.65 -23.19 -8.19
N GLN A 18 6.55 -22.25 -9.14
CA GLN A 18 7.74 -21.62 -9.71
C GLN A 18 7.81 -20.13 -9.35
N LEU A 19 9.00 -19.66 -8.98
CA LEU A 19 9.18 -18.23 -8.73
C LEU A 19 9.70 -17.54 -9.99
N LYS A 20 9.08 -16.41 -10.34
CA LYS A 20 9.37 -15.72 -11.59
C LYS A 20 9.23 -14.21 -11.44
N GLU A 21 9.77 -13.49 -12.41
CA GLU A 21 9.53 -12.06 -12.51
C GLU A 21 8.51 -11.80 -13.59
N ALA A 22 7.70 -10.78 -13.38
CA ALA A 22 6.64 -10.46 -14.33
C ALA A 22 6.34 -8.97 -14.35
N LEU A 23 5.86 -8.50 -15.49
CA LEU A 23 5.60 -7.09 -15.72
C LEU A 23 4.15 -6.74 -15.43
N LEU A 24 3.94 -5.72 -14.59
CA LEU A 24 2.58 -5.25 -14.32
C LEU A 24 2.14 -4.41 -15.51
N ASP A 25 1.08 -4.85 -16.18
CA ASP A 25 0.69 -4.25 -17.45
C ASP A 25 -0.78 -3.87 -17.43
N THR A 26 -1.06 -2.59 -17.22
CA THR A 26 -2.45 -2.13 -17.14
C THR A 26 -3.16 -2.21 -18.48
N GLY A 27 -2.38 -2.32 -19.54
CA GLY A 27 -2.96 -2.37 -20.89
C GLY A 27 -3.37 -3.76 -21.34
N ALA A 28 -2.94 -4.79 -20.61
CA ALA A 28 -3.24 -6.17 -20.97
C ALA A 28 -4.56 -6.62 -20.35
N ASP A 29 -5.52 -7.06 -21.17
CA ASP A 29 -6.76 -7.63 -20.62
C ASP A 29 -6.44 -8.82 -19.72
N ASP A 30 -5.51 -9.64 -20.19
CA ASP A 30 -5.24 -10.95 -19.59
C ASP A 30 -3.80 -11.11 -19.15
N THR A 31 -3.58 -12.11 -18.30
CA THR A 31 -2.27 -12.43 -17.81
C THR A 31 -1.67 -13.50 -18.72
N VAL A 32 -0.44 -13.28 -19.17
CA VAL A 32 0.17 -14.19 -20.14
C VAL A 32 1.58 -14.48 -19.68
N LEU A 33 1.87 -15.75 -19.43
CA LEU A 33 3.18 -16.17 -18.93
C LEU A 33 3.92 -16.96 -19.99
N GLU A 34 5.25 -16.90 -19.94
CA GLU A 34 6.09 -17.72 -20.83
C GLU A 34 5.75 -19.19 -20.66
N ASP A 35 5.90 -19.98 -21.73
CA ASP A 35 5.49 -21.39 -21.74
C ASP A 35 5.93 -22.18 -20.52
N MET A 36 4.98 -22.86 -19.90
CA MET A 36 5.24 -23.65 -18.70
C MET A 36 4.10 -24.65 -18.51
N GLU A 37 4.32 -25.62 -17.64
CA GLU A 37 3.26 -26.56 -17.29
C GLU A 37 2.39 -25.97 -16.17
N LEU A 38 1.08 -26.06 -16.34
CA LEU A 38 0.14 -25.72 -15.27
C LEU A 38 -0.83 -26.88 -15.11
N PRO A 39 -1.38 -27.06 -13.89
CA PRO A 39 -2.32 -28.16 -13.64
C PRO A 39 -3.69 -27.91 -14.26
N GLY A 40 -4.36 -28.99 -14.65
CA GLY A 40 -5.72 -28.87 -15.14
C GLY A 40 -5.86 -28.92 -16.64
N ARG A 41 -7.09 -28.86 -17.12
CA ARG A 41 -7.37 -28.84 -18.54
C ARG A 41 -7.12 -27.43 -19.05
N TRP A 42 -6.89 -27.30 -20.35
CA TRP A 42 -6.74 -25.99 -20.97
C TRP A 42 -7.47 -25.91 -22.30
N LYS A 43 -7.68 -24.69 -22.77
CA LYS A 43 -8.30 -24.46 -24.08
C LYS A 43 -7.35 -23.58 -24.89
N PRO A 44 -7.22 -23.85 -26.19
CA PRO A 44 -6.38 -23.01 -27.06
C PRO A 44 -7.05 -21.67 -27.35
N ARG A 45 -6.23 -20.62 -27.43
CA ARG A 45 -6.73 -19.28 -27.69
C ARG A 45 -5.69 -18.57 -28.52
N MET A 46 -6.14 -17.54 -29.22
CA MET A 46 -5.24 -16.67 -29.94
C MET A 46 -5.47 -15.28 -29.40
N ILE A 47 -4.43 -14.67 -28.85
CA ILE A 47 -4.57 -13.33 -28.27
C ILE A 47 -3.74 -12.34 -29.05
N GLY A 48 -4.26 -11.13 -29.22
CA GLY A 48 -3.61 -10.15 -30.06
C GLY A 48 -2.91 -9.10 -29.25
N GLY A 49 -1.80 -8.61 -29.78
CA GLY A 49 -1.12 -7.48 -29.18
C GLY A 49 -0.28 -6.80 -30.22
N ILE A 50 0.70 -6.02 -29.76
CA ILE A 50 1.65 -5.43 -30.67
C ILE A 50 2.46 -6.56 -31.30
N GLY A 51 2.66 -6.50 -32.61
CA GLY A 51 3.43 -7.55 -33.26
C GLY A 51 2.57 -8.64 -33.84
N GLY A 52 1.29 -8.67 -33.46
CA GLY A 52 0.40 -9.69 -33.99
C GLY A 52 -0.18 -10.59 -32.91
N PHE A 53 -0.59 -11.79 -33.31
CA PHE A 53 -1.27 -12.71 -32.40
C PHE A 53 -0.36 -13.83 -31.92
N VAL A 54 -0.62 -14.30 -30.70
CA VAL A 54 0.14 -15.41 -30.14
C VAL A 54 -0.83 -16.51 -29.73
N LYS A 55 -0.44 -17.74 -30.04
CA LYS A 55 -1.21 -18.92 -29.66
C LYS A 55 -0.89 -19.27 -28.24
N VAL A 56 -1.91 -19.38 -27.40
CA VAL A 56 -1.69 -19.64 -25.98
C VAL A 56 -2.58 -20.77 -25.47
N ARG A 57 -2.21 -21.33 -24.33
CA ARG A 57 -3.06 -22.27 -23.62
C ARG A 57 -3.73 -21.54 -22.48
N GLN A 58 -5.06 -21.61 -22.40
CA GLN A 58 -5.79 -20.94 -21.32
C GLN A 58 -6.06 -21.90 -20.17
N TYR A 59 -5.53 -21.59 -18.98
CA TYR A 59 -5.83 -22.34 -17.77
C TYR A 59 -6.70 -21.50 -16.85
N ASP A 60 -7.73 -22.12 -16.27
CA ASP A 60 -8.66 -21.38 -15.42
C ASP A 60 -8.38 -21.57 -13.93
N GLN A 61 -8.78 -20.56 -13.15
CA GLN A 61 -8.65 -20.60 -11.70
C GLN A 61 -7.27 -21.00 -11.20
N ILE A 62 -6.25 -20.33 -11.72
CA ILE A 62 -4.89 -20.58 -11.28
C ILE A 62 -4.52 -19.61 -10.18
N PRO A 63 -4.06 -20.13 -9.03
CA PRO A 63 -3.58 -19.25 -7.97
C PRO A 63 -2.22 -18.66 -8.32
N ILE A 64 -2.07 -17.34 -8.19
CA ILE A 64 -0.76 -16.71 -8.31
C ILE A 64 -0.53 -15.81 -7.12
N GLU A 65 0.66 -15.89 -6.55
CA GLU A 65 1.05 -14.97 -5.48
C GLU A 65 1.89 -13.86 -6.10
N ILE A 66 1.46 -12.61 -5.90
CA ILE A 66 2.13 -11.43 -6.44
C ILE A 66 2.50 -10.51 -5.28
N CYS A 67 3.80 -10.31 -5.06
CA CYS A 67 4.26 -9.46 -3.95
C CYS A 67 3.64 -9.92 -2.63
N GLY A 68 3.47 -11.23 -2.48
CA GLY A 68 2.95 -11.77 -1.24
C GLY A 68 1.45 -11.94 -1.19
N HIS A 69 0.73 -11.32 -2.11
CA HIS A 69 -0.73 -11.39 -2.11
C HIS A 69 -1.21 -12.52 -3.03
N LYS A 70 -2.04 -13.41 -2.49
CA LYS A 70 -2.60 -14.50 -3.28
C LYS A 70 -3.79 -14.02 -4.09
N VAL A 71 -3.76 -14.27 -5.40
CA VAL A 71 -4.90 -13.96 -6.24
C VAL A 71 -5.23 -15.18 -7.09
N ILE A 72 -6.42 -15.20 -7.69
CA ILE A 72 -6.86 -16.33 -8.49
C ILE A 72 -7.41 -15.77 -9.80
N GLY A 73 -7.11 -16.44 -10.91
CA GLY A 73 -7.68 -16.00 -12.17
C GLY A 73 -7.25 -16.88 -13.32
N THR A 74 -7.74 -16.56 -14.50
CA THR A 74 -7.31 -17.23 -15.71
C THR A 74 -5.88 -16.84 -16.04
N VAL A 75 -5.07 -17.81 -16.46
CA VAL A 75 -3.68 -17.54 -16.79
C VAL A 75 -3.42 -18.13 -18.16
N LEU A 76 -2.87 -17.33 -19.06
CA LEU A 76 -2.58 -17.82 -20.40
C LEU A 76 -1.09 -18.11 -20.47
N VAL A 77 -0.73 -19.17 -21.19
CA VAL A 77 0.65 -19.56 -21.29
C VAL A 77 1.03 -19.76 -22.77
N GLY A 78 2.17 -19.19 -23.19
CA GLY A 78 2.59 -19.33 -24.58
C GLY A 78 3.90 -18.61 -24.84
N PRO A 79 4.27 -18.47 -26.12
CA PRO A 79 5.59 -17.90 -26.39
C PRO A 79 5.62 -16.36 -26.36
N THR A 80 5.10 -15.77 -25.28
CA THR A 80 5.31 -14.35 -25.03
C THR A 80 6.77 -14.09 -24.70
N PRO A 81 7.31 -12.94 -25.14
CA PRO A 81 8.71 -12.63 -24.83
C PRO A 81 8.94 -12.23 -23.37
N THR A 82 7.88 -12.02 -22.61
CA THR A 82 8.03 -11.69 -21.19
C THR A 82 6.78 -12.06 -20.40
N ASN A 83 6.93 -12.37 -19.11
CA ASN A 83 5.77 -12.65 -18.28
C ASN A 83 5.03 -11.35 -18.03
N ILE A 84 3.72 -11.36 -18.27
CA ILE A 84 2.90 -10.17 -18.11
C ILE A 84 1.75 -10.45 -17.17
N ILE A 85 1.59 -9.61 -16.15
CA ILE A 85 0.40 -9.65 -15.30
C ILE A 85 -0.60 -8.63 -15.83
N GLY A 86 -1.78 -9.11 -16.21
CA GLY A 86 -2.82 -8.26 -16.77
C GLY A 86 -3.87 -7.78 -15.78
N ARG A 87 -4.88 -7.09 -16.31
CA ARG A 87 -5.90 -6.48 -15.46
C ARG A 87 -6.67 -7.52 -14.68
N ASN A 88 -6.83 -8.71 -15.26
CA ASN A 88 -7.65 -9.74 -14.61
C ASN A 88 -7.11 -10.13 -13.24
N LEU A 89 -5.80 -9.99 -13.05
CA LEU A 89 -5.19 -10.22 -11.74
C LEU A 89 -4.90 -8.93 -10.98
N MET A 90 -4.58 -7.84 -11.69
CA MET A 90 -4.29 -6.59 -11.00
C MET A 90 -5.47 -6.03 -10.20
N THR A 91 -6.67 -6.26 -10.69
CA THR A 91 -7.87 -5.82 -9.96
C THR A 91 -7.94 -6.51 -8.62
N GLN A 92 -7.52 -7.77 -8.60
CA GLN A 92 -7.64 -8.60 -7.39
C GLN A 92 -6.67 -8.13 -6.33
N LEU A 93 -5.66 -7.38 -6.75
CA LEU A 93 -4.69 -6.78 -5.85
C LEU A 93 -5.14 -5.41 -5.38
N GLY A 94 -6.23 -4.90 -5.96
CA GLY A 94 -6.70 -3.56 -5.64
C GLY A 94 -5.84 -2.49 -6.27
N CYS A 95 -5.25 -2.81 -7.42
CA CYS A 95 -4.29 -1.91 -8.06
C CYS A 95 -5.00 -0.82 -8.89
N THR A 96 -4.58 0.44 -8.69
CA THR A 96 -5.16 1.56 -9.44
C THR A 96 -4.07 2.38 -10.09
N LEU A 97 -4.41 3.11 -11.15
CA LEU A 97 -3.51 4.11 -11.71
C LEU A 97 -3.96 5.46 -11.16
N ASN A 98 -2.99 6.29 -10.79
CA ASN A 98 -3.28 7.56 -10.15
C ASN A 98 -2.41 8.66 -10.71
N PHE A 99 -3.02 9.76 -11.14
CA PHE A 99 -2.28 10.95 -11.56
C PHE A 99 -3.06 12.23 -11.28
N PRO B 1 -6.91 11.92 -11.77
CA PRO B 1 -7.93 10.97 -11.30
C PRO B 1 -7.33 9.69 -10.70
N GLN B 2 -8.20 8.80 -10.23
CA GLN B 2 -7.81 7.44 -9.83
C GLN B 2 -8.53 6.48 -10.77
N ILE B 3 -7.78 5.61 -11.43
CA ILE B 3 -8.36 4.74 -12.44
C ILE B 3 -8.24 3.28 -12.02
N THR B 4 -9.38 2.60 -11.90
CA THR B 4 -9.38 1.20 -11.52
C THR B 4 -9.23 0.38 -12.80
N LEU B 5 -9.08 -0.93 -12.67
CA LEU B 5 -8.71 -1.75 -13.80
C LEU B 5 -9.77 -2.79 -14.17
N TRP B 6 -10.99 -2.60 -13.68
CA TRP B 6 -12.06 -3.56 -14.02
C TRP B 6 -12.46 -3.45 -15.48
N GLN B 7 -12.20 -2.30 -16.08
CA GLN B 7 -12.37 -2.11 -17.51
C GLN B 7 -11.04 -1.59 -18.03
N ARG B 8 -10.87 -1.57 -19.35
CA ARG B 8 -9.67 -0.98 -19.92
C ARG B 8 -9.53 0.46 -19.48
N PRO B 9 -8.30 0.85 -19.09
CA PRO B 9 -8.03 2.21 -18.64
C PRO B 9 -7.87 3.14 -19.83
N ILE B 10 -9.01 3.49 -20.42
CA ILE B 10 -9.02 4.27 -21.65
C ILE B 10 -9.21 5.73 -21.27
N VAL B 11 -8.41 6.61 -21.86
CA VAL B 11 -8.53 8.05 -21.61
C VAL B 11 -8.67 8.78 -22.93
N THR B 12 -9.18 10.00 -22.87
CA THR B 12 -9.26 10.82 -24.07
C THR B 12 -7.99 11.62 -24.20
N ILE B 13 -7.40 11.60 -25.38
CA ILE B 13 -6.20 12.36 -25.62
C ILE B 13 -6.49 13.34 -26.73
N LYS B 14 -5.71 14.39 -26.82
CA LYS B 14 -5.81 15.29 -27.95
C LYS B 14 -4.42 15.40 -28.57
N VAL B 15 -4.30 15.02 -29.84
CA VAL B 15 -3.03 15.08 -30.54
C VAL B 15 -3.27 15.60 -31.96
N GLY B 16 -2.45 16.55 -32.40
CA GLY B 16 -2.67 17.19 -33.69
C GLY B 16 -4.07 17.76 -33.86
N GLY B 17 -4.64 18.30 -32.78
CA GLY B 17 -5.99 18.86 -32.85
C GLY B 17 -7.13 17.86 -32.77
N GLN B 18 -6.82 16.57 -32.88
CA GLN B 18 -7.86 15.53 -32.93
C GLN B 18 -8.05 14.85 -31.59
N LEU B 19 -9.31 14.73 -31.15
CA LEU B 19 -9.62 13.91 -29.98
C LEU B 19 -9.65 12.43 -30.33
N LYS B 20 -8.98 11.61 -29.51
CA LYS B 20 -8.84 10.18 -29.74
C LYS B 20 -8.92 9.46 -28.40
N GLU B 21 -9.23 8.18 -28.41
CA GLU B 21 -9.18 7.38 -27.20
C GLU B 21 -7.84 6.66 -27.18
N ALA B 22 -7.26 6.52 -25.99
CA ALA B 22 -6.00 5.79 -25.86
C ALA B 22 -5.93 4.98 -24.56
N LEU B 23 -5.15 3.91 -24.60
CA LEU B 23 -5.07 2.97 -23.50
C LEU B 23 -3.83 3.28 -22.67
N LEU B 24 -4.02 3.44 -21.36
CA LEU B 24 -2.87 3.63 -20.46
C LEU B 24 -2.23 2.27 -20.18
N ASP B 25 -1.00 2.10 -20.64
CA ASP B 25 -0.38 0.78 -20.67
C ASP B 25 0.97 0.84 -19.95
N THR B 26 1.00 0.38 -18.70
CA THR B 26 2.24 0.40 -17.92
C THR B 26 3.27 -0.62 -18.43
N GLY B 27 2.82 -1.54 -19.29
CA GLY B 27 3.72 -2.53 -19.87
C GLY B 27 4.45 -2.04 -21.10
N ALA B 28 4.12 -0.84 -21.54
CA ALA B 28 4.72 -0.27 -22.74
C ALA B 28 5.76 0.78 -22.38
N ASP B 29 6.98 0.63 -22.87
CA ASP B 29 8.02 1.64 -22.65
C ASP B 29 7.65 2.95 -23.35
N ASP B 30 7.05 2.81 -24.53
CA ASP B 30 6.83 3.92 -25.44
C ASP B 30 5.36 4.10 -25.76
N THR B 31 5.04 5.23 -26.39
CA THR B 31 3.67 5.57 -26.78
C THR B 31 3.52 5.22 -28.27
N VAL B 32 2.51 4.43 -28.60
CA VAL B 32 2.32 3.98 -29.99
C VAL B 32 0.95 4.40 -30.45
N LEU B 33 0.87 5.15 -31.54
CA LEU B 33 -0.42 5.62 -32.04
C LEU B 33 -0.78 5.02 -33.39
N GLU B 34 -2.08 4.87 -33.63
CA GLU B 34 -2.58 4.40 -34.92
C GLU B 34 -2.19 5.44 -35.96
N ASP B 35 -2.04 5.01 -37.20
CA ASP B 35 -1.60 5.88 -38.29
C ASP B 35 -2.33 7.23 -38.30
N MET B 36 -1.56 8.31 -38.38
CA MET B 36 -2.10 9.65 -38.44
C MET B 36 -1.01 10.57 -38.94
N GLU B 37 -1.37 11.79 -39.32
CA GLU B 37 -0.37 12.75 -39.75
C GLU B 37 0.21 13.50 -38.57
N LEU B 38 1.54 13.59 -38.52
CA LEU B 38 2.24 14.34 -37.50
C LEU B 38 3.31 15.21 -38.16
N PRO B 39 3.63 16.36 -37.55
CA PRO B 39 4.58 17.28 -38.20
C PRO B 39 6.03 16.84 -38.04
N GLY B 40 6.91 17.36 -38.89
CA GLY B 40 8.33 17.16 -38.72
C GLY B 40 8.86 15.90 -39.35
N ARG B 41 10.12 15.59 -39.05
CA ARG B 41 10.74 14.39 -39.61
C ARG B 41 10.53 13.21 -38.66
N TRP B 42 10.58 12.01 -39.23
CA TRP B 42 10.53 10.80 -38.43
C TRP B 42 11.76 9.93 -38.64
N LYS B 43 11.98 9.01 -37.69
CA LYS B 43 13.13 8.12 -37.70
C LYS B 43 12.61 6.70 -37.54
N PRO B 44 13.36 5.72 -38.07
CA PRO B 44 12.87 4.34 -38.00
C PRO B 44 13.10 3.72 -36.62
N ARG B 45 12.16 2.91 -36.20
CA ARG B 45 12.30 2.19 -34.94
C ARG B 45 11.62 0.83 -35.06
N MET B 46 12.11 -0.15 -34.33
CA MET B 46 11.42 -1.42 -34.26
C MET B 46 11.12 -1.66 -32.78
N ILE B 47 9.89 -2.06 -32.50
CA ILE B 47 9.48 -2.30 -31.12
C ILE B 47 8.93 -3.71 -31.00
N GLY B 48 9.01 -4.27 -29.80
CA GLY B 48 8.54 -5.61 -29.57
C GLY B 48 7.29 -5.64 -28.71
N GLY B 49 6.34 -6.45 -29.12
CA GLY B 49 5.12 -6.67 -28.36
C GLY B 49 4.97 -8.16 -28.11
N ILE B 50 3.81 -8.59 -27.62
CA ILE B 50 3.65 -10.01 -27.31
C ILE B 50 3.67 -10.86 -28.57
N GLY B 51 3.27 -10.27 -29.69
CA GLY B 51 3.19 -11.00 -30.96
C GLY B 51 4.46 -10.98 -31.79
N GLY B 52 5.42 -10.16 -31.38
CA GLY B 52 6.68 -10.04 -32.09
C GLY B 52 7.03 -8.60 -32.36
N PHE B 53 7.91 -8.37 -33.32
CA PHE B 53 8.38 -7.01 -33.60
C PHE B 53 7.59 -6.29 -34.70
N VAL B 54 7.47 -4.97 -34.58
CA VAL B 54 6.80 -4.14 -35.58
C VAL B 54 7.66 -2.93 -35.88
N LYS B 55 7.73 -2.56 -37.17
CA LYS B 55 8.40 -1.34 -37.61
C LYS B 55 7.48 -0.15 -37.40
N VAL B 56 7.99 0.90 -36.74
CA VAL B 56 7.18 2.09 -36.50
C VAL B 56 7.92 3.35 -36.94
N ARG B 57 7.19 4.44 -37.09
CA ARG B 57 7.80 5.74 -37.35
C ARG B 57 7.91 6.50 -36.03
N GLN B 58 9.10 6.99 -35.71
CA GLN B 58 9.29 7.74 -34.48
C GLN B 58 9.28 9.24 -34.72
N TYR B 59 8.34 9.93 -34.09
CA TYR B 59 8.31 11.38 -34.10
C TYR B 59 8.66 11.90 -32.70
N ASP B 60 9.47 12.95 -32.64
CA ASP B 60 9.91 13.47 -31.34
C ASP B 60 9.21 14.78 -30.98
N GLN B 61 9.11 15.05 -29.67
CA GLN B 61 8.59 16.31 -29.14
C GLN B 61 7.21 16.68 -29.63
N ILE B 62 6.31 15.71 -29.59
CA ILE B 62 4.94 15.90 -30.03
C ILE B 62 4.08 16.23 -28.81
N PRO B 63 3.34 17.36 -28.88
CA PRO B 63 2.45 17.69 -27.76
C PRO B 63 1.15 16.88 -27.81
N ILE B 64 0.77 16.34 -26.64
CA ILE B 64 -0.49 15.64 -26.50
C ILE B 64 -1.15 16.11 -25.21
N GLU B 65 -2.46 16.36 -25.23
CA GLU B 65 -3.17 16.62 -23.99
C GLU B 65 -3.80 15.31 -23.51
N ILE B 66 -3.49 14.90 -22.29
CA ILE B 66 -4.08 13.68 -21.76
C ILE B 66 -4.90 14.07 -20.54
N CYS B 67 -6.22 13.97 -20.64
CA CYS B 67 -7.13 14.43 -19.59
C CYS B 67 -6.81 15.86 -19.19
N GLY B 68 -6.58 16.71 -20.20
CA GLY B 68 -6.31 18.11 -19.95
C GLY B 68 -4.88 18.45 -19.53
N HIS B 69 -4.07 17.45 -19.23
CA HIS B 69 -2.66 17.71 -18.89
C HIS B 69 -1.81 17.69 -20.14
N LYS B 70 -0.99 18.72 -20.29
CA LYS B 70 -0.12 18.83 -21.45
C LYS B 70 1.20 18.10 -21.23
N VAL B 71 1.49 17.14 -22.12
CA VAL B 71 2.77 16.44 -22.11
C VAL B 71 3.39 16.65 -23.49
N ILE B 72 4.71 16.50 -23.60
CA ILE B 72 5.37 16.66 -24.89
C ILE B 72 6.49 15.62 -25.00
N GLY B 73 6.38 14.72 -25.95
CA GLY B 73 7.37 13.66 -26.01
C GLY B 73 7.35 12.84 -27.27
N THR B 74 8.05 11.71 -27.21
CA THR B 74 8.17 10.85 -28.38
C THR B 74 6.91 10.02 -28.60
N VAL B 75 6.45 9.99 -29.85
CA VAL B 75 5.35 9.09 -30.22
C VAL B 75 5.77 8.22 -31.38
N LEU B 76 5.38 6.95 -31.33
CA LEU B 76 5.66 6.00 -32.40
C LEU B 76 4.37 5.76 -33.17
N VAL B 77 4.43 5.71 -34.50
CA VAL B 77 3.21 5.53 -35.28
C VAL B 77 3.38 4.27 -36.10
N GLY B 78 2.44 3.35 -35.99
CA GLY B 78 2.48 2.12 -36.77
C GLY B 78 1.34 1.20 -36.43
N PRO B 79 1.40 -0.05 -36.92
CA PRO B 79 0.30 -1.02 -36.75
C PRO B 79 0.12 -1.31 -35.28
N THR B 80 -1.09 -1.11 -34.76
CA THR B 80 -1.34 -1.32 -33.35
C THR B 80 -2.83 -1.62 -33.12
N PRO B 81 -3.14 -2.49 -32.15
CA PRO B 81 -4.55 -2.78 -31.90
C PRO B 81 -5.32 -1.57 -31.43
N THR B 82 -4.62 -0.60 -30.83
CA THR B 82 -5.25 0.63 -30.37
C THR B 82 -4.18 1.66 -30.01
N ASN B 83 -4.59 2.91 -29.78
CA ASN B 83 -3.65 3.93 -29.32
C ASN B 83 -3.17 3.57 -27.92
N ILE B 84 -1.86 3.60 -27.69
CA ILE B 84 -1.27 3.15 -26.43
C ILE B 84 -0.45 4.28 -25.83
N ILE B 85 -0.75 4.65 -24.59
CA ILE B 85 0.09 5.63 -23.89
C ILE B 85 1.03 4.84 -23.01
N GLY B 86 2.33 4.99 -23.24
CA GLY B 86 3.33 4.22 -22.51
C GLY B 86 3.98 5.03 -21.39
N ARG B 87 4.99 4.45 -20.77
CA ARG B 87 5.59 5.05 -19.57
C ARG B 87 6.26 6.36 -19.87
N ASN B 88 6.73 6.55 -21.11
CA ASN B 88 7.43 7.78 -21.46
C ASN B 88 6.53 8.98 -21.20
N LEU B 89 5.24 8.84 -21.51
CA LEU B 89 4.28 9.93 -21.28
C LEU B 89 3.56 9.80 -19.94
N MET B 90 3.37 8.59 -19.44
CA MET B 90 2.80 8.48 -18.10
C MET B 90 3.69 9.09 -17.01
N THR B 91 5.01 9.03 -17.18
CA THR B 91 5.87 9.68 -16.19
C THR B 91 5.69 11.19 -16.23
N GLN B 92 5.41 11.76 -17.41
CA GLN B 92 5.18 13.20 -17.49
C GLN B 92 3.89 13.59 -16.79
N LEU B 93 2.96 12.65 -16.71
CA LEU B 93 1.71 12.84 -15.97
C LEU B 93 1.87 12.68 -14.47
N GLY B 94 3.01 12.17 -14.02
CA GLY B 94 3.20 11.84 -12.63
C GLY B 94 2.35 10.64 -12.23
N CYS B 95 2.03 9.81 -13.22
CA CYS B 95 1.18 8.66 -13.02
C CYS B 95 1.89 7.54 -12.26
N THR B 96 1.22 6.96 -11.25
CA THR B 96 1.81 5.88 -10.48
C THR B 96 0.85 4.71 -10.38
N LEU B 97 1.39 3.52 -10.12
CA LEU B 97 0.62 2.32 -9.81
C LEU B 97 0.53 2.14 -8.30
N ASN B 98 -0.68 1.96 -7.79
CA ASN B 98 -0.89 1.92 -6.35
C ASN B 98 -1.69 0.71 -5.94
N PHE B 99 -1.20 -0.02 -4.93
CA PHE B 99 -1.99 -1.08 -4.31
C PHE B 99 -1.51 -1.38 -2.90
N PRO C 1 -1.04 -1.47 2.48
CA PRO C 1 -2.47 -1.52 2.84
C PRO C 1 -2.99 -0.18 3.37
N GLN C 2 -4.32 -0.03 3.41
CA GLN C 2 -4.93 1.01 4.20
C GLN C 2 -5.75 0.32 5.29
N ILE C 3 -5.37 0.54 6.54
CA ILE C 3 -6.01 -0.19 7.63
C ILE C 3 -6.91 0.76 8.42
N THR C 4 -8.21 0.47 8.49
CA THR C 4 -9.11 1.28 9.30
C THR C 4 -9.01 0.80 10.75
N LEU C 5 -9.62 1.56 11.65
CA LEU C 5 -9.37 1.32 13.06
C LEU C 5 -10.62 0.93 13.83
N TRP C 6 -11.60 0.37 13.11
CA TRP C 6 -12.81 -0.14 13.75
C TRP C 6 -12.45 -1.26 14.71
N GLN C 7 -11.47 -2.08 14.33
CA GLN C 7 -10.92 -3.14 15.16
C GLN C 7 -9.45 -2.90 15.44
N ARG C 8 -8.89 -3.64 16.41
CA ARG C 8 -7.46 -3.53 16.67
C ARG C 8 -6.66 -3.88 15.41
N PRO C 9 -5.69 -3.00 15.04
CA PRO C 9 -4.87 -3.23 13.85
C PRO C 9 -3.82 -4.30 14.13
N ILE C 10 -4.23 -5.56 14.00
CA ILE C 10 -3.34 -6.68 14.32
C ILE C 10 -2.80 -7.30 13.03
N VAL C 11 -1.49 -7.60 13.02
CA VAL C 11 -0.82 -8.17 11.85
C VAL C 11 0.03 -9.39 12.21
N THR C 12 0.43 -10.16 11.20
CA THR C 12 1.29 -11.33 11.43
C THR C 12 2.75 -10.93 11.27
N ILE C 13 3.57 -11.27 12.24
CA ILE C 13 5.01 -11.02 12.12
C ILE C 13 5.81 -12.32 12.20
N LYS C 14 7.02 -12.30 11.66
CA LYS C 14 7.96 -13.39 11.87
C LYS C 14 9.22 -12.85 12.54
N VAL C 15 9.57 -13.41 13.68
CA VAL C 15 10.71 -12.93 14.45
C VAL C 15 11.41 -14.03 15.25
N GLY C 16 12.73 -14.05 15.19
CA GLY C 16 13.51 -15.07 15.91
C GLY C 16 13.06 -16.47 15.55
N GLY C 17 12.64 -16.67 14.30
CA GLY C 17 12.20 -17.96 13.84
C GLY C 17 10.81 -18.37 14.30
N GLN C 18 10.05 -17.41 14.83
CA GLN C 18 8.71 -17.71 15.34
C GLN C 18 7.67 -16.84 14.65
N LEU C 19 6.52 -17.42 14.31
CA LEU C 19 5.42 -16.65 13.75
C LEU C 19 4.41 -16.29 14.81
N LYS C 20 3.99 -15.02 14.80
CA LYS C 20 3.05 -14.56 15.80
C LYS C 20 2.26 -13.34 15.35
N GLU C 21 1.31 -12.94 16.18
CA GLU C 21 0.49 -11.80 15.86
C GLU C 21 0.89 -10.65 16.76
N ALA C 22 0.81 -9.45 16.23
CA ALA C 22 1.21 -8.27 17.00
C ALA C 22 0.36 -7.06 16.64
N LEU C 23 0.27 -6.15 17.58
CA LEU C 23 -0.58 -4.97 17.44
C LEU C 23 0.24 -3.78 16.93
N LEU C 24 -0.22 -3.15 15.85
CA LEU C 24 0.44 -1.94 15.37
C LEU C 24 0.04 -0.77 16.26
N ASP C 25 1.02 -0.18 16.90
CA ASP C 25 0.77 0.82 17.94
C ASP C 25 1.55 2.09 17.68
N THR C 26 0.89 3.09 17.11
CA THR C 26 1.56 4.36 16.83
C THR C 26 1.96 5.12 18.09
N GLY C 27 1.39 4.73 19.22
CA GLY C 27 1.66 5.41 20.48
C GLY C 27 2.90 4.89 21.19
N ALA C 28 3.37 3.73 20.76
CA ALA C 28 4.53 3.09 21.38
C ALA C 28 5.83 3.59 20.76
N ASP C 29 6.73 4.16 21.56
CA ASP C 29 8.06 4.51 21.02
C ASP C 29 8.74 3.26 20.51
N ASP C 30 8.60 2.18 21.27
CA ASP C 30 9.40 0.98 21.08
C ASP C 30 8.55 -0.25 20.80
N THR C 31 9.18 -1.26 20.23
CA THR C 31 8.54 -2.53 19.93
C THR C 31 8.77 -3.46 21.12
N VAL C 32 7.70 -4.04 21.65
CA VAL C 32 7.80 -4.88 22.85
C VAL C 32 7.04 -6.17 22.60
N LEU C 33 7.76 -7.29 22.69
CA LEU C 33 7.19 -8.61 22.46
C LEU C 33 7.10 -9.41 23.76
N GLU C 34 6.16 -10.35 23.81
CA GLU C 34 6.04 -11.24 24.97
C GLU C 34 7.33 -12.04 25.09
N ASP C 35 7.67 -12.39 26.33
CA ASP C 35 8.93 -13.05 26.64
C ASP C 35 9.29 -14.20 25.71
N MET C 36 10.50 -14.14 25.16
CA MET C 36 10.98 -15.14 24.23
C MET C 36 12.50 -15.04 24.16
N GLU C 37 13.11 -16.06 23.56
CA GLU C 37 14.55 -16.04 23.32
C GLU C 37 14.87 -15.30 22.02
N LEU C 38 15.87 -14.43 22.08
CA LEU C 38 16.40 -13.78 20.89
C LEU C 38 17.92 -13.91 20.90
N PRO C 39 18.56 -13.93 19.71
CA PRO C 39 20.01 -14.11 19.68
C PRO C 39 20.75 -12.84 20.06
N GLY C 40 21.94 -13.00 20.64
CA GLY C 40 22.78 -11.85 20.95
C GLY C 40 22.76 -11.45 22.40
N ARG C 41 23.53 -10.42 22.72
CA ARG C 41 23.54 -9.88 24.08
C ARG C 41 22.35 -8.93 24.25
N TRP C 42 21.96 -8.71 25.50
CA TRP C 42 20.86 -7.80 25.79
C TRP C 42 21.17 -6.95 27.00
N LYS C 43 20.45 -5.84 27.13
CA LYS C 43 20.59 -4.95 28.28
C LYS C 43 19.24 -4.83 28.96
N PRO C 44 19.22 -4.81 30.30
CA PRO C 44 17.98 -4.63 31.05
C PRO C 44 17.46 -3.21 30.95
N ARG C 45 16.15 -3.08 30.89
CA ARG C 45 15.53 -1.78 30.70
C ARG C 45 14.18 -1.79 31.40
N MET C 46 13.70 -0.60 31.75
CA MET C 46 12.39 -0.43 32.36
C MET C 46 11.62 0.53 31.49
N ILE C 47 10.51 0.08 30.90
CA ILE C 47 9.73 0.95 30.04
C ILE C 47 8.36 1.20 30.65
N GLY C 48 7.88 2.43 30.49
CA GLY C 48 6.64 2.85 31.14
C GLY C 48 5.49 2.89 30.15
N GLY C 49 4.32 2.53 30.63
CA GLY C 49 3.11 2.61 29.84
C GLY C 49 1.93 2.74 30.76
N ILE C 50 0.73 2.51 30.23
CA ILE C 50 -0.45 2.48 31.05
C ILE C 50 -0.28 1.33 32.04
N GLY C 51 -0.58 1.59 33.30
CA GLY C 51 -0.49 0.53 34.30
C GLY C 51 0.84 0.50 35.01
N GLY C 52 1.82 1.27 34.52
CA GLY C 52 3.11 1.31 35.19
C GLY C 52 4.25 0.83 34.31
N PHE C 53 5.31 0.35 34.94
CA PHE C 53 6.53 0.01 34.24
C PHE C 53 6.72 -1.50 34.13
N VAL C 54 7.39 -1.90 33.06
CA VAL C 54 7.66 -3.32 32.84
C VAL C 54 9.14 -3.49 32.57
N LYS C 55 9.72 -4.49 33.24
CA LYS C 55 11.13 -4.83 33.08
C LYS C 55 11.30 -5.63 31.80
N VAL C 56 12.17 -5.16 30.91
CA VAL C 56 12.36 -5.81 29.61
C VAL C 56 13.84 -6.09 29.31
N ARG C 57 14.08 -7.00 28.37
CA ARG C 57 15.41 -7.23 27.82
C ARG C 57 15.50 -6.52 26.48
N GLN C 58 16.53 -5.70 26.29
CA GLN C 58 16.69 -4.98 25.03
C GLN C 58 17.66 -5.69 24.11
N TYR C 59 17.18 -6.09 22.93
CA TYR C 59 18.03 -6.70 21.91
C TYR C 59 18.14 -5.74 20.76
N ASP C 60 19.34 -5.59 20.19
CA ASP C 60 19.52 -4.65 19.09
C ASP C 60 19.62 -5.36 17.74
N GLN C 61 19.33 -4.62 16.69
CA GLN C 61 19.41 -5.10 15.30
C GLN C 61 18.73 -6.44 15.05
N ILE C 62 17.49 -6.56 15.50
CA ILE C 62 16.72 -7.77 15.30
C ILE C 62 15.88 -7.64 14.03
N PRO C 63 16.02 -8.59 13.09
CA PRO C 63 15.19 -8.54 11.88
C PRO C 63 13.77 -9.00 12.21
N ILE C 64 12.77 -8.23 11.83
CA ILE C 64 11.39 -8.70 11.91
C ILE C 64 10.74 -8.53 10.55
N GLU C 65 10.00 -9.55 10.13
CA GLU C 65 9.20 -9.50 8.93
C GLU C 65 7.77 -9.18 9.33
N ILE C 66 7.24 -8.08 8.80
CA ILE C 66 5.87 -7.64 9.10
C ILE C 66 5.10 -7.54 7.80
N CYS C 67 4.04 -8.33 7.67
CA CYS C 67 3.22 -8.31 6.45
C CYS C 67 4.07 -8.49 5.21
N GLY C 68 5.09 -9.34 5.31
CA GLY C 68 5.96 -9.62 4.18
C GLY C 68 7.17 -8.71 4.08
N HIS C 69 7.14 -7.59 4.78
CA HIS C 69 8.23 -6.61 4.72
C HIS C 69 9.27 -6.89 5.80
N LYS C 70 10.53 -7.03 5.38
CA LYS C 70 11.59 -7.22 6.36
C LYS C 70 12.17 -5.89 6.86
N VAL C 71 12.09 -5.69 8.18
CA VAL C 71 12.64 -4.48 8.79
C VAL C 71 13.60 -4.87 9.90
N ILE C 72 14.36 -3.91 10.40
CA ILE C 72 15.34 -4.22 11.44
C ILE C 72 15.33 -3.10 12.48
N GLY C 73 15.53 -3.46 13.74
CA GLY C 73 15.49 -2.47 14.79
C GLY C 73 15.61 -3.08 16.17
N THR C 74 15.61 -2.24 17.18
CA THR C 74 15.64 -2.71 18.57
C THR C 74 14.33 -3.39 18.91
N VAL C 75 14.41 -4.53 19.62
CA VAL C 75 13.20 -5.24 20.04
C VAL C 75 13.32 -5.50 21.54
N LEU C 76 12.31 -5.07 22.29
CA LEU C 76 12.30 -5.30 23.74
C LEU C 76 11.46 -6.53 24.01
N VAL C 77 11.87 -7.32 24.99
CA VAL C 77 11.17 -8.54 25.31
C VAL C 77 10.87 -8.61 26.80
N GLY C 78 9.63 -8.95 27.16
CA GLY C 78 9.27 -9.03 28.57
C GLY C 78 7.81 -9.36 28.78
N PRO C 79 7.33 -9.25 30.03
CA PRO C 79 5.97 -9.71 30.32
C PRO C 79 4.87 -8.71 29.92
N THR C 80 4.94 -8.22 28.69
CA THR C 80 3.84 -7.44 28.12
C THR C 80 2.67 -8.38 27.88
N PRO C 81 1.45 -7.88 28.08
CA PRO C 81 0.25 -8.70 27.86
C PRO C 81 -0.07 -8.94 26.39
N THR C 82 0.62 -8.24 25.48
CA THR C 82 0.40 -8.48 24.05
C THR C 82 1.61 -8.02 23.24
N ASN C 83 1.85 -8.64 22.09
CA ASN C 83 2.97 -8.21 21.25
C ASN C 83 2.62 -6.87 20.64
N ILE C 84 3.56 -5.93 20.72
CA ILE C 84 3.31 -4.59 20.20
C ILE C 84 4.43 -4.15 19.26
N ILE C 85 4.06 -3.76 18.05
CA ILE C 85 5.00 -3.14 17.12
C ILE C 85 4.92 -1.62 17.30
N GLY C 86 6.05 -1.01 17.66
CA GLY C 86 6.11 0.42 17.91
C GLY C 86 6.62 1.25 16.74
N ARG C 87 6.79 2.54 16.96
CA ARG C 87 7.17 3.48 15.90
C ARG C 87 8.52 3.13 15.33
N ASN C 88 9.40 2.58 16.14
CA ASN C 88 10.76 2.27 15.67
C ASN C 88 10.78 1.29 14.50
N LEU C 89 9.78 0.42 14.41
CA LEU C 89 9.68 -0.46 13.26
C LEU C 89 8.64 0.01 12.26
N MET C 90 7.60 0.70 12.71
CA MET C 90 6.56 1.18 11.79
C MET C 90 7.09 2.20 10.78
N THR C 91 8.07 3.00 11.18
CA THR C 91 8.66 3.95 10.24
C THR C 91 9.34 3.24 9.08
N GLN C 92 9.91 2.07 9.37
CA GLN C 92 10.68 1.31 8.40
C GLN C 92 9.77 0.72 7.33
N LEU C 93 8.50 0.56 7.69
CA LEU C 93 7.46 0.10 6.78
C LEU C 93 6.88 1.23 5.96
N GLY C 94 7.25 2.47 6.30
CA GLY C 94 6.68 3.63 5.63
C GLY C 94 5.26 3.89 6.07
N CYS C 95 4.95 3.51 7.30
CA CYS C 95 3.59 3.60 7.81
C CYS C 95 3.21 5.02 8.27
N THR C 96 2.05 5.51 7.82
CA THR C 96 1.59 6.84 8.21
C THR C 96 0.16 6.79 8.77
N LEU C 97 -0.19 7.79 9.57
CA LEU C 97 -1.57 8.00 9.99
C LEU C 97 -2.14 9.08 9.09
N ASN C 98 -3.36 8.85 8.60
CA ASN C 98 -3.98 9.75 7.64
C ASN C 98 -5.42 10.03 8.00
N PHE C 99 -5.80 11.30 8.06
CA PHE C 99 -7.20 11.71 8.25
C PHE C 99 -7.44 13.08 7.63
N PRO D 1 -4.66 15.62 7.48
CA PRO D 1 -3.20 15.57 7.35
C PRO D 1 -2.66 14.14 7.26
N GLN D 2 -1.37 14.04 6.95
CA GLN D 2 -0.66 12.76 6.96
C GLN D 2 0.42 12.90 8.02
N ILE D 3 0.46 11.95 8.94
CA ILE D 3 1.41 12.03 10.05
C ILE D 3 2.35 10.83 10.00
N THR D 4 3.65 11.11 9.86
CA THR D 4 4.64 10.05 9.87
C THR D 4 4.99 9.74 11.32
N LEU D 5 5.82 8.72 11.54
CA LEU D 5 6.01 8.21 12.88
C LEU D 5 7.46 8.32 13.38
N TRP D 6 8.27 9.16 12.73
CA TRP D 6 9.65 9.39 13.16
C TRP D 6 9.71 10.06 14.52
N GLN D 7 8.65 10.81 14.85
CA GLN D 7 8.50 11.39 16.19
C GLN D 7 7.14 10.94 16.72
N ARG D 8 6.89 11.14 18.00
CA ARG D 8 5.57 10.84 18.55
C ARG D 8 4.47 11.59 17.81
N PRO D 9 3.38 10.87 17.44
CA PRO D 9 2.29 11.54 16.72
C PRO D 9 1.40 12.32 17.67
N ILE D 10 1.88 13.51 18.02
CA ILE D 10 1.22 14.36 18.99
C ILE D 10 0.35 15.35 18.24
N VAL D 11 -0.88 15.54 18.69
CA VAL D 11 -1.78 16.51 18.09
C VAL D 11 -2.30 17.43 19.19
N THR D 12 -2.77 18.63 18.81
CA THR D 12 -3.42 19.51 19.76
C THR D 12 -4.89 19.17 19.79
N ILE D 13 -5.43 19.01 21.00
CA ILE D 13 -6.84 18.77 21.19
C ILE D 13 -7.43 19.90 22.03
N LYS D 14 -8.74 20.08 21.93
CA LYS D 14 -9.43 20.99 22.84
C LYS D 14 -10.53 20.24 23.57
N VAL D 15 -10.42 20.15 24.89
CA VAL D 15 -11.42 19.49 25.73
C VAL D 15 -11.80 20.43 26.85
N GLY D 16 -13.10 20.60 27.08
CA GLY D 16 -13.57 21.52 28.11
C GLY D 16 -12.95 22.90 28.02
N GLY D 17 -12.79 23.41 26.80
CA GLY D 17 -12.25 24.74 26.58
C GLY D 17 -10.74 24.85 26.68
N GLN D 18 -10.08 23.76 27.03
CA GLN D 18 -8.63 23.78 27.28
C GLN D 18 -7.87 23.11 26.16
N LEU D 19 -6.85 23.79 25.66
CA LEU D 19 -5.94 23.17 24.68
C LEU D 19 -4.91 22.31 25.38
N LYS D 20 -4.71 21.10 24.85
CA LYS D 20 -3.79 20.11 25.44
C LYS D 20 -3.13 19.38 24.30
N GLU D 21 -2.03 18.70 24.60
CA GLU D 21 -1.39 17.83 23.60
C GLU D 21 -1.80 16.40 23.90
N ALA D 22 -1.99 15.61 22.85
CA ALA D 22 -2.39 14.23 23.01
C ALA D 22 -1.75 13.36 21.95
N LEU D 23 -1.51 12.11 22.34
CA LEU D 23 -0.81 11.15 21.48
C LEU D 23 -1.82 10.28 20.73
N LEU D 24 -1.70 10.24 19.40
CA LEU D 24 -2.56 9.33 18.61
C LEU D 24 -2.03 7.89 18.72
N ASP D 25 -2.83 7.01 19.32
CA ASP D 25 -2.34 5.70 19.73
C ASP D 25 -3.26 4.62 19.16
N THR D 26 -2.83 4.00 18.07
CA THR D 26 -3.63 2.95 17.43
C THR D 26 -3.70 1.68 18.29
N GLY D 27 -2.84 1.59 19.29
CA GLY D 27 -2.82 0.43 20.17
C GLY D 27 -3.84 0.51 21.29
N ALA D 28 -4.46 1.67 21.43
CA ALA D 28 -5.43 1.93 22.49
C ALA D 28 -6.87 1.79 21.98
N ASP D 29 -7.67 0.95 22.64
CA ASP D 29 -9.09 0.86 22.29
C ASP D 29 -9.80 2.17 22.65
N ASP D 30 -9.35 2.79 23.74
CA ASP D 30 -10.06 3.89 24.36
C ASP D 30 -9.19 5.13 24.45
N THR D 31 -9.83 6.26 24.75
CA THR D 31 -9.15 7.54 24.91
C THR D 31 -8.95 7.77 26.41
N VAL D 32 -7.71 8.04 26.82
CA VAL D 32 -7.37 8.19 28.23
C VAL D 32 -6.72 9.55 28.46
N LEU D 33 -7.34 10.39 29.29
CA LEU D 33 -6.80 11.73 29.53
C LEU D 33 -6.27 11.87 30.95
N GLU D 34 -5.24 12.70 31.09
CA GLU D 34 -4.72 13.05 32.42
C GLU D 34 -5.81 13.73 33.23
N ASP D 35 -5.73 13.64 34.55
CA ASP D 35 -6.76 14.18 35.43
C ASP D 35 -7.20 15.61 35.06
N MET D 36 -8.51 15.81 34.96
CA MET D 36 -9.07 17.11 34.62
C MET D 36 -10.53 17.07 35.01
N GLU D 37 -11.16 18.24 35.05
CA GLU D 37 -12.60 18.27 35.34
C GLU D 37 -13.39 18.07 34.06
N LEU D 38 -14.40 17.19 34.13
CA LEU D 38 -15.34 17.00 33.04
C LEU D 38 -16.76 16.96 33.59
N PRO D 39 -17.75 17.34 32.76
CA PRO D 39 -19.13 17.43 33.26
C PRO D 39 -19.86 16.09 33.33
N GLY D 40 -20.93 16.06 34.11
CA GLY D 40 -21.82 14.89 34.14
C GLY D 40 -21.38 13.84 35.12
N ARG D 41 -21.96 12.65 35.01
CA ARG D 41 -21.60 11.56 35.90
C ARG D 41 -20.53 10.69 35.25
N TRP D 42 -19.80 9.98 36.08
CA TRP D 42 -18.83 9.00 35.61
C TRP D 42 -19.14 7.61 36.14
N LYS D 43 -18.57 6.61 35.48
CA LYS D 43 -18.77 5.21 35.80
C LYS D 43 -17.40 4.60 35.95
N PRO D 44 -17.28 3.55 36.77
CA PRO D 44 -15.98 2.94 36.99
C PRO D 44 -15.54 2.07 35.81
N ARG D 45 -14.25 2.05 35.53
CA ARG D 45 -13.70 1.15 34.51
C ARG D 45 -12.26 0.77 34.86
N MET D 46 -11.86 -0.43 34.44
CA MET D 46 -10.47 -0.84 34.55
C MET D 46 -9.98 -1.11 33.15
N ILE D 47 -8.81 -0.55 32.82
CA ILE D 47 -8.20 -0.76 31.53
C ILE D 47 -6.82 -1.37 31.71
N GLY D 48 -6.36 -2.12 30.72
CA GLY D 48 -5.05 -2.71 30.74
C GLY D 48 -4.07 -2.06 29.79
N GLY D 49 -2.86 -1.81 30.28
CA GLY D 49 -1.77 -1.33 29.46
C GLY D 49 -0.59 -2.28 29.58
N ILE D 50 0.58 -1.88 29.10
CA ILE D 50 1.73 -2.79 29.13
C ILE D 50 2.19 -3.08 30.55
N GLY D 51 1.91 -2.15 31.46
CA GLY D 51 2.34 -2.30 32.85
C GLY D 51 1.37 -3.00 33.77
N GLY D 52 0.14 -3.18 33.32
CA GLY D 52 -0.89 -3.83 34.12
C GLY D 52 -2.18 -3.06 34.02
N PHE D 53 -3.07 -3.27 34.98
CA PHE D 53 -4.35 -2.59 34.96
C PHE D 53 -4.39 -1.30 35.79
N VAL D 54 -5.24 -0.37 35.38
CA VAL D 54 -5.42 0.85 36.15
C VAL D 54 -6.90 1.19 36.20
N LYS D 55 -7.35 1.74 37.32
CA LYS D 55 -8.74 2.16 37.47
C LYS D 55 -8.90 3.56 36.92
N VAL D 56 -9.91 3.77 36.08
CA VAL D 56 -10.16 5.10 35.50
C VAL D 56 -11.61 5.50 35.70
N ARG D 57 -11.91 6.79 35.50
CA ARG D 57 -13.28 7.28 35.52
C ARG D 57 -13.76 7.40 34.09
N GLN D 58 -14.91 6.82 33.78
CA GLN D 58 -15.42 6.89 32.41
C GLN D 58 -16.50 7.95 32.27
N TYR D 59 -16.25 8.93 31.41
CA TYR D 59 -17.24 9.94 31.08
C TYR D 59 -17.74 9.72 29.65
N ASP D 60 -19.04 9.85 29.43
CA ASP D 60 -19.60 9.61 28.10
C ASP D 60 -19.99 10.90 27.36
N GLN D 61 -19.95 10.82 26.04
CA GLN D 61 -20.41 11.91 25.15
C GLN D 61 -19.72 13.25 25.39
N ILE D 62 -18.41 13.21 25.51
CA ILE D 62 -17.58 14.38 25.70
C ILE D 62 -17.10 14.93 24.36
N PRO D 63 -17.38 16.20 24.08
CA PRO D 63 -16.90 16.82 22.85
C PRO D 63 -15.41 17.15 22.95
N ILE D 64 -14.66 16.77 21.93
CA ILE D 64 -13.26 17.12 21.84
C ILE D 64 -13.02 17.61 20.43
N GLU D 65 -12.24 18.68 20.28
CA GLU D 65 -11.82 19.10 18.96
C GLU D 65 -10.40 18.61 18.72
N ILE D 66 -10.20 17.80 17.68
CA ILE D 66 -8.88 17.26 17.37
C ILE D 66 -8.46 17.78 16.01
N CYS D 67 -7.43 18.63 15.99
CA CYS D 67 -6.99 19.30 14.76
C CYS D 67 -8.17 19.96 14.07
N GLY D 68 -8.98 20.67 14.86
CA GLY D 68 -10.14 21.37 14.33
C GLY D 68 -11.30 20.49 13.90
N HIS D 69 -11.18 19.18 14.07
CA HIS D 69 -12.31 18.28 13.80
C HIS D 69 -13.03 17.95 15.08
N LYS D 70 -14.35 18.12 15.07
CA LYS D 70 -15.18 17.83 16.23
C LYS D 70 -15.56 16.36 16.33
N VAL D 71 -15.19 15.74 17.44
CA VAL D 71 -15.62 14.38 17.75
C VAL D 71 -16.34 14.41 19.09
N ILE D 72 -17.18 13.41 19.35
CA ILE D 72 -17.92 13.35 20.61
C ILE D 72 -17.99 11.90 21.06
N GLY D 73 -17.37 11.58 22.19
CA GLY D 73 -17.33 10.18 22.60
C GLY D 73 -16.90 9.95 24.03
N THR D 74 -16.60 8.69 24.33
CA THR D 74 -16.19 8.30 25.67
C THR D 74 -14.75 8.68 25.96
N VAL D 75 -14.52 9.30 27.12
CA VAL D 75 -13.15 9.56 27.56
C VAL D 75 -12.96 8.96 28.94
N LEU D 76 -11.78 8.40 29.17
CA LEU D 76 -11.42 7.80 30.44
C LEU D 76 -10.41 8.70 31.12
N VAL D 77 -10.58 8.94 32.42
CA VAL D 77 -9.67 9.83 33.12
C VAL D 77 -9.00 9.04 34.24
N GLY D 78 -7.67 9.10 34.29
CA GLY D 78 -6.91 8.40 35.32
C GLY D 78 -5.41 8.52 35.07
N PRO D 79 -4.62 7.77 35.85
CA PRO D 79 -3.15 7.84 35.78
C PRO D 79 -2.66 7.40 34.42
N THR D 80 -1.91 8.26 33.73
CA THR D 80 -1.45 7.95 32.39
C THR D 80 -0.18 8.72 32.08
N PRO D 81 0.76 8.12 31.33
CA PRO D 81 1.99 8.87 31.04
C PRO D 81 1.73 10.12 30.21
N THR D 82 0.61 10.15 29.50
CA THR D 82 0.24 11.31 28.69
C THR D 82 -1.19 11.17 28.19
N ASN D 83 -1.75 12.26 27.64
CA ASN D 83 -3.08 12.19 27.03
C ASN D 83 -3.04 11.27 25.81
N ILE D 84 -3.94 10.29 25.76
CA ILE D 84 -3.93 9.28 24.69
C ILE D 84 -5.26 9.31 23.92
N ILE D 85 -5.19 9.49 22.61
CA ILE D 85 -6.40 9.42 21.77
C ILE D 85 -6.43 8.01 21.18
N GLY D 86 -7.48 7.25 21.50
CA GLY D 86 -7.56 5.87 21.07
C GLY D 86 -8.45 5.69 19.85
N ARG D 87 -8.69 4.45 19.49
CA ARG D 87 -9.41 4.13 18.25
C ARG D 87 -10.84 4.62 18.31
N ASN D 88 -11.41 4.71 19.51
CA ASN D 88 -12.81 5.15 19.62
C ASN D 88 -13.01 6.53 19.02
N LEU D 89 -12.02 7.42 19.21
CA LEU D 89 -12.10 8.77 18.63
C LEU D 89 -11.39 8.87 17.29
N MET D 90 -10.33 8.09 17.09
CA MET D 90 -9.70 8.07 15.77
C MET D 90 -10.65 7.58 14.66
N THR D 91 -11.56 6.65 14.98
CA THR D 91 -12.52 6.24 13.95
C THR D 91 -13.46 7.39 13.60
N GLN D 92 -13.76 8.26 14.57
CA GLN D 92 -14.63 9.39 14.29
C GLN D 92 -13.94 10.40 13.38
N LEU D 93 -12.61 10.44 13.43
CA LEU D 93 -11.82 11.28 12.53
C LEU D 93 -11.67 10.70 11.14
N GLY D 94 -12.01 9.42 10.98
CA GLY D 94 -11.79 8.72 9.72
C GLY D 94 -10.31 8.44 9.52
N CYS D 95 -9.61 8.25 10.64
CA CYS D 95 -8.16 8.06 10.62
C CYS D 95 -7.82 6.63 10.23
N THR D 96 -6.85 6.47 9.32
CA THR D 96 -6.41 5.14 8.91
C THR D 96 -4.89 5.03 9.00
N LEU D 97 -4.41 3.78 9.08
CA LEU D 97 -3.00 3.45 8.99
C LEU D 97 -2.66 3.05 7.57
N ASN D 98 -1.64 3.67 6.99
CA ASN D 98 -1.32 3.44 5.59
C ASN D 98 0.14 3.08 5.37
N PHE D 99 0.37 2.04 4.57
CA PHE D 99 1.71 1.71 4.08
C PHE D 99 1.61 0.78 2.88
O1 TPV E . 3.34 -5.38 -25.89
C2 TPV E . 2.01 -5.77 -26.10
C3 TPV E . 0.91 -5.38 -25.20
C4 TPV E . 1.27 -4.71 -24.08
C5 TPV E . 2.69 -4.39 -23.73
C6 TPV E . 3.64 -4.41 -24.91
O7 TPV E . 1.82 -6.47 -27.08
O8 TPV E . 0.36 -4.31 -23.14
C9 TPV E . 3.46 -3.03 -25.52
C10 TPV E . 4.29 -2.66 -26.69
C11 TPV E . 3.91 -1.25 -27.07
C12 TPV E . 5.07 -4.69 -24.51
C13 TPV E . 5.26 -6.10 -23.97
C14 TPV E . 6.73 -6.33 -23.70
C15 TPV E . 7.34 -5.75 -22.60
C16 TPV E . 8.69 -5.95 -22.34
C17 TPV E . 9.42 -6.75 -23.20
C18 TPV E . 8.83 -7.36 -24.31
C19 TPV E . 7.47 -7.14 -24.57
C20 TPV E . -0.55 -5.79 -25.55
C21 TPV E . -1.63 -4.74 -25.40
C22 TPV E . -1.25 -3.52 -26.16
C23 TPV E . -0.98 -7.11 -24.85
C24 TPV E . -0.36 -7.58 -23.71
C25 TPV E . -0.77 -8.76 -23.10
C26 TPV E . -1.84 -9.50 -23.61
C27 TPV E . -2.46 -9.04 -24.77
N28 TPV E . -3.58 -9.76 -25.40
C29 TPV E . -2.04 -7.85 -25.39
S30 TPV E . -5.09 -9.47 -24.82
O31 TPV E . -6.04 -10.41 -25.35
O32 TPV E . -5.09 -9.65 -23.39
C33 TPV E . -5.41 -7.78 -25.27
N34 TPV E . -5.24 -6.80 -24.37
C35 TPV E . -5.44 -5.51 -24.69
C36 TPV E . -5.84 -5.14 -25.99
C37 TPV E . -6.00 -6.13 -26.96
C38 TPV E . -5.80 -7.48 -26.59
C39 TPV E . -6.02 -3.70 -26.35
F40 TPV E . -4.81 -3.23 -26.62
F41 TPV E . -6.51 -2.94 -25.37
F42 TPV E . -6.70 -3.58 -27.48
O1 TPV F . -1.17 0.20 26.60
C2 TPV F . 0.02 0.93 26.76
C3 TPV F . 0.60 1.74 25.68
C4 TPV F . -0.03 1.69 24.48
C5 TPV F . -1.25 0.84 24.22
C6 TPV F . -1.99 0.42 25.47
O7 TPV F . 0.57 0.85 27.86
O8 TPV F . 0.42 2.36 23.38
C9 TPV F . -2.86 1.63 25.78
C10 TPV F . -3.87 1.53 26.86
C11 TPV F . -4.62 2.85 26.87
C12 TPV F . -2.77 -0.86 25.30
C13 TPV F . -1.88 -2.09 25.14
C14 TPV F . -2.69 -3.36 25.08
C15 TPV F . -3.40 -3.65 23.92
C16 TPV F . -4.18 -4.81 23.83
C17 TPV F . -4.22 -5.68 24.93
C18 TPV F . -3.52 -5.39 26.09
C19 TPV F . -2.75 -4.22 26.16
C20 TPV F . 1.90 2.56 25.97
C21 TPV F . 1.94 3.96 25.45
C22 TPV F . 0.77 4.75 25.95
C23 TPV F . 3.20 1.81 25.60
C24 TPV F . 3.23 0.78 24.67
C25 TPV F . 4.42 0.14 24.33
C26 TPV F . 5.62 0.53 24.92
C27 TPV F . 5.61 1.56 25.88
N28 TPV F . 6.83 2.00 26.53
C29 TPV F . 4.40 2.20 26.20
S30 TPV F . 7.75 3.11 25.75
O31 TPV F . 9.04 3.29 26.38
O32 TPV F . 8.03 2.64 24.40
C33 TPV F . 6.75 4.58 25.73
N34 TPV F . 6.08 4.94 24.61
C35 TPV F . 5.30 6.02 24.61
C36 TPV F . 5.15 6.80 25.76
C37 TPV F . 5.81 6.44 26.96
C38 TPV F . 6.62 5.30 26.92
C39 TPV F . 4.24 7.99 25.79
F40 TPV F . 4.17 8.62 24.62
F41 TPV F . 4.52 8.81 26.79
F42 TPV F . 3.05 7.50 26.09
#